data_3QV2
#
_entry.id   3QV2
#
_cell.length_a   46.970
_cell.length_b   46.970
_cell.length_c   303.240
_cell.angle_alpha   90.00
_cell.angle_beta   90.00
_cell.angle_gamma   90.00
#
_symmetry.space_group_name_H-M   'P 43 21 2'
#
loop_
_entity.id
_entity.type
_entity.pdbx_description
1 polymer '5-cytosine DNA methyltransferase'
2 non-polymer S-ADENOSYL-L-HOMOCYSTEINE
3 non-polymer 'SULFATE ION'
4 water water
#
_entity_poly.entity_id   1
_entity_poly.type   'polypeptide(L)'
_entity_poly.pdbx_seq_one_letter_code
;GPLGSMQQKQVNVIEFFSGIGGLRSSYERSSININATFIPFDINEIANKIYSKNFKEEVQVKNLDSISIKQIESLNCNTW
FMSPPCQPYNNSIMSKHKDINDPRAKSVLHLYRDILPYLINKPKHIFIENVPLFKESLVFKEIYNILIKNQYYIKDIICS
PIDIGIPNSRTRYYVMARLTPFKNEIQLHQEKESMISNYLDNNVNESYSIPSDLILKKGMLFDIVGKDDKRTCCFTKSYT
KIVEGTGSIYCPIEPHFIPVKKAEDLLNKNLRYFTPNEIKKIHGFSSNFTTQIDGLTDKQQYQCLGNSVSCFVIAQLMEY
LFDDLKE
;
_entity_poly.pdbx_strand_id   A
#
loop_
_chem_comp.id
_chem_comp.type
_chem_comp.name
_chem_comp.formula
SO4 non-polymer 'SULFATE ION' 'O4 S -2'
#
# COMPACT_ATOMS: atom_id res chain seq x y z
N GLN A 8 23.19 10.30 14.49
CA GLN A 8 24.17 10.90 13.59
C GLN A 8 23.76 10.78 12.13
N LYS A 9 23.69 9.54 11.64
CA LYS A 9 23.33 9.30 10.25
C LYS A 9 21.88 9.68 10.00
N GLN A 10 21.56 10.03 8.76
CA GLN A 10 20.24 10.54 8.44
C GLN A 10 19.59 9.79 7.28
N VAL A 11 18.26 9.77 7.28
CA VAL A 11 17.50 9.13 6.21
C VAL A 11 16.68 10.16 5.44
N ASN A 12 17.11 10.47 4.22
CA ASN A 12 16.41 11.42 3.38
C ASN A 12 15.74 10.71 2.20
N VAL A 13 14.40 10.67 2.22
CA VAL A 13 13.65 9.82 1.30
C VAL A 13 12.96 10.59 0.19
N ILE A 14 13.07 10.09 -1.04
CA ILE A 14 12.23 10.53 -2.13
C ILE A 14 11.06 9.56 -2.25
N GLU A 15 9.87 10.02 -1.91
CA GLU A 15 8.69 9.16 -1.88
C GLU A 15 7.99 9.14 -3.24
N PHE A 16 8.49 8.33 -4.16
CA PHE A 16 7.91 8.23 -5.48
C PHE A 16 6.52 7.58 -5.43
N PHE A 17 5.61 8.08 -6.26
CA PHE A 17 4.23 7.59 -6.28
C PHE A 17 3.69 7.60 -4.85
N SER A 18 3.88 8.73 -4.17
CA SER A 18 3.59 8.84 -2.75
C SER A 18 2.16 8.50 -2.35
N GLY A 19 1.20 8.73 -3.25
CA GLY A 19 -0.19 8.47 -2.94
C GLY A 19 -0.66 9.21 -1.71
N ILE A 20 -1.10 8.47 -0.69
CA ILE A 20 -1.57 9.08 0.55
C ILE A 20 -0.54 9.00 1.66
N GLY A 21 0.66 8.56 1.32
CA GLY A 21 1.76 8.52 2.27
C GLY A 21 1.88 7.22 3.05
N GLY A 22 1.54 6.12 2.40
CA GLY A 22 1.62 4.81 3.04
C GLY A 22 3.05 4.43 3.39
N LEU A 23 3.97 4.68 2.47
CA LEU A 23 5.38 4.34 2.68
C LEU A 23 5.98 5.19 3.81
N ARG A 24 5.63 6.47 3.83
CA ARG A 24 6.08 7.36 4.90
C ARG A 24 5.52 6.90 6.24
N SER A 25 4.21 6.65 6.28
CA SER A 25 3.54 6.18 7.49
C SER A 25 4.21 4.93 8.04
N SER A 26 4.51 3.99 7.15
CA SER A 26 5.16 2.74 7.55
C SER A 26 6.49 3.00 8.25
N TYR A 27 7.30 3.89 7.69
CA TYR A 27 8.59 4.23 8.29
C TYR A 27 8.40 4.88 9.65
N GLU A 28 7.45 5.82 9.73
CA GLU A 28 7.24 6.59 10.95
C GLU A 28 6.72 5.74 12.11
N ARG A 29 5.98 4.68 11.79
CA ARG A 29 5.43 3.81 12.84
C ARG A 29 6.41 2.70 13.20
N SER A 30 7.42 2.49 12.36
CA SER A 30 8.41 1.45 12.61
C SER A 30 9.32 1.81 13.78
N SER A 31 10.19 0.89 14.16
CA SER A 31 11.09 1.11 15.29
C SER A 31 12.47 1.58 14.85
N ILE A 32 12.59 1.94 13.58
CA ILE A 32 13.85 2.44 13.04
C ILE A 32 14.35 3.61 13.87
N ASN A 33 13.44 4.50 14.24
CA ASN A 33 13.73 5.61 15.14
C ASN A 33 14.87 6.54 14.73
N ILE A 34 15.14 6.61 13.43
CA ILE A 34 16.00 7.66 12.90
C ILE A 34 15.11 8.72 12.28
N ASN A 35 15.24 9.96 12.72
CA ASN A 35 14.47 11.05 12.15
C ASN A 35 14.75 11.17 10.66
N ALA A 36 13.70 11.31 9.86
CA ALA A 36 13.85 11.33 8.41
C ALA A 36 13.08 12.46 7.75
N THR A 37 13.44 12.76 6.51
CA THR A 37 12.73 13.75 5.70
C THR A 37 12.13 13.05 4.48
N PHE A 38 11.02 13.57 3.99
CA PHE A 38 10.33 12.96 2.85
C PHE A 38 10.00 13.98 1.76
N ILE A 39 10.31 13.62 0.52
CA ILE A 39 9.93 14.44 -0.63
C ILE A 39 9.06 13.62 -1.57
N PRO A 40 7.73 13.78 -1.43
CA PRO A 40 6.73 13.00 -2.18
C PRO A 40 6.53 13.48 -3.61
N PHE A 41 6.42 12.54 -4.54
CA PHE A 41 6.12 12.84 -5.93
C PHE A 41 4.87 12.08 -6.36
N ASP A 42 3.87 12.80 -6.87
CA ASP A 42 2.66 12.17 -7.38
C ASP A 42 1.82 13.18 -8.15
N ILE A 43 1.18 12.72 -9.22
CA ILE A 43 0.40 13.60 -10.09
C ILE A 43 -1.10 13.57 -9.76
N ASN A 44 -1.48 12.68 -8.85
CA ASN A 44 -2.88 12.56 -8.47
C ASN A 44 -3.30 13.66 -7.49
N GLU A 45 -4.09 14.61 -7.98
CA GLU A 45 -4.49 15.78 -7.19
C GLU A 45 -5.21 15.39 -5.90
N ILE A 46 -6.11 14.43 -5.99
CA ILE A 46 -6.88 14.00 -4.82
C ILE A 46 -5.97 13.33 -3.79
N ALA A 47 -5.12 12.42 -4.26
CA ALA A 47 -4.17 11.74 -3.38
C ALA A 47 -3.27 12.74 -2.66
N ASN A 48 -2.75 13.71 -3.42
CA ASN A 48 -1.89 14.74 -2.86
C ASN A 48 -2.57 15.56 -1.78
N LYS A 49 -3.83 15.91 -2.01
CA LYS A 49 -4.60 16.68 -1.03
C LYS A 49 -4.64 15.98 0.32
N ILE A 50 -4.81 14.66 0.30
CA ILE A 50 -4.80 13.88 1.52
C ILE A 50 -3.41 13.88 2.15
N TYR A 51 -2.38 13.69 1.32
CA TYR A 51 -1.00 13.70 1.79
C TYR A 51 -0.68 15.03 2.47
N SER A 52 -0.93 16.12 1.76
CA SER A 52 -0.64 17.45 2.28
C SER A 52 -1.43 17.76 3.54
N LYS A 53 -2.69 17.31 3.57
CA LYS A 53 -3.54 17.51 4.74
C LYS A 53 -2.94 16.87 6.00
N ASN A 54 -2.40 15.67 5.84
CA ASN A 54 -1.85 14.93 6.97
C ASN A 54 -0.39 15.24 7.30
N PHE A 55 0.40 15.53 6.28
CA PHE A 55 1.84 15.73 6.47
C PHE A 55 2.27 17.18 6.34
N LYS A 56 1.32 18.06 6.02
CA LYS A 56 1.59 19.49 5.94
C LYS A 56 2.78 19.83 5.06
N GLU A 57 2.95 19.06 3.99
CA GLU A 57 4.04 19.30 3.03
C GLU A 57 3.50 19.16 1.63
N GLU A 58 4.04 19.95 0.70
CA GLU A 58 3.55 19.93 -0.67
C GLU A 58 4.10 18.75 -1.47
N VAL A 59 3.25 18.18 -2.32
CA VAL A 59 3.65 17.07 -3.18
C VAL A 59 4.12 17.57 -4.54
N GLN A 60 5.29 17.09 -4.97
CA GLN A 60 5.83 17.46 -6.27
C GLN A 60 5.06 16.75 -7.39
N VAL A 61 4.48 17.53 -8.30
CA VAL A 61 3.65 16.98 -9.35
C VAL A 61 4.40 16.77 -10.67
N LYS A 62 5.72 16.94 -10.63
CA LYS A 62 6.54 16.69 -11.79
C LYS A 62 6.39 15.24 -12.25
N ASN A 63 5.99 15.05 -13.50
CA ASN A 63 5.73 13.70 -14.02
C ASN A 63 6.98 12.83 -14.00
N LEU A 64 6.86 11.65 -13.41
CA LEU A 64 8.00 10.75 -13.22
C LEU A 64 8.43 10.07 -14.51
N ASP A 65 7.66 10.28 -15.58
CA ASP A 65 8.01 9.71 -16.88
C ASP A 65 9.23 10.39 -17.48
N SER A 66 9.43 11.67 -17.15
CA SER A 66 10.45 12.48 -17.80
C SER A 66 11.29 13.32 -16.86
N ILE A 67 11.10 13.15 -15.55
CA ILE A 67 11.84 13.94 -14.57
C ILE A 67 13.35 13.80 -14.78
N SER A 68 14.05 14.92 -14.75
CA SER A 68 15.49 14.93 -15.04
C SER A 68 16.31 14.43 -13.86
N ILE A 69 17.52 13.95 -14.16
CA ILE A 69 18.45 13.51 -13.14
C ILE A 69 18.77 14.67 -12.21
N LYS A 70 19.05 15.82 -12.81
CA LYS A 70 19.42 17.04 -12.08
C LYS A 70 18.42 17.37 -10.97
N GLN A 71 17.13 17.36 -11.31
CA GLN A 71 16.10 17.70 -10.33
C GLN A 71 16.08 16.68 -9.18
N ILE A 72 16.23 15.41 -9.51
CA ILE A 72 16.27 14.37 -8.49
C ILE A 72 17.49 14.51 -7.59
N GLU A 73 18.64 14.77 -8.19
CA GLU A 73 19.90 14.87 -7.45
C GLU A 73 19.93 16.13 -6.59
N SER A 74 19.23 17.18 -7.03
CA SER A 74 19.18 18.43 -6.30
C SER A 74 18.55 18.23 -4.92
N LEU A 75 17.78 17.16 -4.78
CA LEU A 75 17.11 16.85 -3.53
C LEU A 75 18.11 16.36 -2.48
N ASN A 76 19.26 15.89 -2.93
CA ASN A 76 20.30 15.40 -2.02
CA ASN A 76 20.30 15.40 -2.02
C ASN A 76 19.75 14.35 -1.05
N CYS A 77 19.00 13.39 -1.58
CA CYS A 77 18.44 12.33 -0.76
C CYS A 77 19.27 11.06 -0.88
N ASN A 78 19.08 10.15 0.07
CA ASN A 78 19.85 8.91 0.09
C ASN A 78 18.96 7.66 0.18
N THR A 79 17.67 7.85 -0.07
CA THR A 79 16.72 6.75 0.04
C THR A 79 15.57 6.87 -0.97
N TRP A 80 15.18 5.74 -1.54
CA TRP A 80 14.05 5.68 -2.46
C TRP A 80 12.95 4.80 -1.92
N PHE A 81 11.78 5.39 -1.68
CA PHE A 81 10.57 4.63 -1.37
C PHE A 81 9.63 4.73 -2.56
N MET A 82 9.02 3.61 -2.94
CA MET A 82 8.14 3.62 -4.11
C MET A 82 7.21 2.41 -4.19
N SER A 83 5.98 2.67 -4.61
CA SER A 83 5.05 1.62 -4.97
C SER A 83 4.44 1.99 -6.33
N PRO A 84 5.12 1.61 -7.42
CA PRO A 84 4.75 1.97 -8.78
C PRO A 84 3.35 1.49 -9.14
N PRO A 85 2.72 2.13 -10.14
CA PRO A 85 1.41 1.68 -10.62
C PRO A 85 1.42 0.17 -10.87
N CYS A 86 0.38 -0.52 -10.43
CA CYS A 86 0.37 -1.97 -10.47
C CYS A 86 -0.47 -2.54 -11.62
N GLN A 87 -1.17 -1.65 -12.33
CA GLN A 87 -2.05 -2.09 -13.41
C GLN A 87 -1.36 -2.97 -14.46
N PRO A 88 -0.16 -2.57 -14.92
CA PRO A 88 0.51 -3.31 -16.00
C PRO A 88 0.80 -4.77 -15.66
N TYR A 89 0.68 -5.15 -14.39
CA TYR A 89 1.18 -6.45 -13.96
C TYR A 89 0.08 -7.47 -13.65
N ASN A 90 -0.63 -7.87 -14.70
CA ASN A 90 -1.53 -9.01 -14.63
C ASN A 90 -1.11 -10.05 -15.66
N ASN A 91 -1.65 -11.25 -15.56
CA ASN A 91 -1.29 -12.34 -16.47
C ASN A 91 -1.66 -12.05 -17.92
N SER A 92 -2.75 -11.33 -18.13
CA SER A 92 -3.19 -10.97 -19.48
C SER A 92 -2.12 -10.14 -20.20
N ILE A 93 -1.71 -9.05 -19.56
CA ILE A 93 -0.72 -8.15 -20.14
C ILE A 93 0.67 -8.77 -20.17
N MET A 94 1.03 -9.49 -19.12
CA MET A 94 2.37 -10.05 -18.99
C MET A 94 2.61 -11.26 -19.91
N SER A 95 1.58 -12.06 -20.13
CA SER A 95 1.72 -13.23 -21.01
C SER A 95 1.83 -12.81 -22.47
N LYS A 96 1.51 -11.54 -22.72
CA LYS A 96 1.58 -10.99 -24.07
C LYS A 96 2.83 -10.12 -24.21
N HIS A 97 3.62 -10.07 -23.15
CA HIS A 97 4.85 -9.29 -23.12
C HIS A 97 4.56 -7.81 -23.38
N LYS A 98 3.46 -7.32 -22.81
CA LYS A 98 3.02 -5.95 -23.04
C LYS A 98 3.28 -5.04 -21.83
N ASP A 99 3.68 -5.65 -20.72
CA ASP A 99 3.96 -4.89 -19.50
C ASP A 99 5.16 -3.96 -19.66
N ILE A 100 6.18 -4.42 -20.39
CA ILE A 100 7.39 -3.64 -20.58
C ILE A 100 7.14 -2.42 -21.46
N ASN A 101 6.08 -2.47 -22.26
CA ASN A 101 5.75 -1.37 -23.16
C ASN A 101 4.54 -0.59 -22.67
N ASP A 102 3.98 -1.02 -21.55
CA ASP A 102 2.82 -0.36 -20.95
C ASP A 102 3.20 1.04 -20.46
N PRO A 103 2.45 2.06 -20.91
CA PRO A 103 2.74 3.47 -20.57
C PRO A 103 2.74 3.74 -19.07
N ARG A 104 2.00 2.95 -18.30
CA ARG A 104 1.93 3.14 -16.85
C ARG A 104 3.18 2.63 -16.14
N ALA A 105 4.04 1.94 -16.87
CA ALA A 105 5.30 1.43 -16.33
C ALA A 105 6.44 2.34 -16.74
N LYS A 106 6.15 3.31 -17.60
CA LYS A 106 7.16 4.20 -18.13
C LYS A 106 7.92 4.97 -17.05
N SER A 107 7.20 5.36 -16.00
CA SER A 107 7.80 6.13 -14.91
C SER A 107 8.83 5.33 -14.11
N VAL A 108 8.49 4.10 -13.78
CA VAL A 108 9.37 3.27 -12.96
C VAL A 108 10.58 2.77 -13.74
N LEU A 109 10.41 2.55 -15.04
CA LEU A 109 11.51 2.19 -15.91
C LEU A 109 12.47 3.36 -16.06
N HIS A 110 11.88 4.55 -16.17
CA HIS A 110 12.66 5.78 -16.30
C HIS A 110 13.60 5.96 -15.12
N LEU A 111 13.09 5.78 -13.92
CA LEU A 111 13.86 5.98 -12.71
C LEU A 111 15.09 5.09 -12.64
N TYR A 112 14.95 3.83 -13.07
CA TYR A 112 16.05 2.87 -12.97
C TYR A 112 16.94 2.86 -14.21
N ARG A 113 16.36 3.10 -15.38
CA ARG A 113 17.14 3.16 -16.61
C ARG A 113 17.93 4.45 -16.71
N ASP A 114 17.24 5.57 -16.50
CA ASP A 114 17.78 6.88 -16.84
C ASP A 114 18.37 7.66 -15.67
N ILE A 115 17.96 7.34 -14.45
CA ILE A 115 18.39 8.09 -13.28
C ILE A 115 19.45 7.38 -12.44
N LEU A 116 19.05 6.26 -11.83
CA LEU A 116 19.89 5.56 -10.86
C LEU A 116 21.35 5.34 -11.30
N PRO A 117 21.56 4.82 -12.53
CA PRO A 117 22.92 4.48 -12.95
C PRO A 117 23.84 5.68 -13.14
N TYR A 118 23.29 6.89 -13.06
CA TYR A 118 24.08 8.09 -13.36
C TYR A 118 24.24 9.03 -12.16
N LEU A 119 23.54 8.75 -11.08
CA LEU A 119 23.67 9.55 -9.86
C LEU A 119 25.09 9.48 -9.31
N ILE A 120 25.60 10.60 -8.82
CA ILE A 120 26.88 10.61 -8.13
C ILE A 120 26.75 9.77 -6.87
N ASN A 121 25.64 9.96 -6.17
CA ASN A 121 25.35 9.20 -4.96
C ASN A 121 24.07 8.39 -5.09
N LYS A 122 24.21 7.11 -5.42
CA LYS A 122 23.05 6.21 -5.48
C LYS A 122 22.43 6.12 -4.11
N PRO A 123 21.10 6.02 -4.05
CA PRO A 123 20.41 5.85 -2.76
C PRO A 123 20.92 4.61 -2.03
N LYS A 124 21.28 4.76 -0.77
CA LYS A 124 21.83 3.64 -0.01
C LYS A 124 20.76 2.61 0.37
N HIS A 125 19.50 3.00 0.29
CA HIS A 125 18.39 2.10 0.56
C HIS A 125 17.24 2.33 -0.41
N ILE A 126 16.69 1.24 -0.93
CA ILE A 126 15.54 1.30 -1.82
C ILE A 126 14.47 0.32 -1.37
N PHE A 127 13.23 0.77 -1.34
CA PHE A 127 12.11 -0.09 -0.97
C PHE A 127 11.02 0.00 -2.03
N ILE A 128 10.66 -1.15 -2.60
CA ILE A 128 9.62 -1.21 -3.61
C ILE A 128 8.44 -2.06 -3.15
N GLU A 129 7.23 -1.59 -3.42
CA GLU A 129 6.03 -2.33 -3.08
C GLU A 129 5.13 -2.46 -4.31
N ASN A 130 4.58 -3.65 -4.52
CA ASN A 130 3.72 -3.89 -5.66
C ASN A 130 2.91 -5.17 -5.48
N VAL A 131 2.22 -5.58 -6.54
CA VAL A 131 1.46 -6.83 -6.52
C VAL A 131 2.37 -8.02 -6.84
N PRO A 132 2.00 -9.21 -6.37
CA PRO A 132 2.78 -10.44 -6.54
C PRO A 132 3.32 -10.63 -7.95
N LEU A 133 2.47 -10.44 -8.96
CA LEU A 133 2.86 -10.68 -10.35
C LEU A 133 3.99 -9.78 -10.83
N PHE A 134 4.22 -8.68 -10.12
CA PHE A 134 5.30 -7.76 -10.47
C PHE A 134 6.63 -8.51 -10.42
N LYS A 135 6.74 -9.44 -9.47
CA LYS A 135 7.95 -10.25 -9.31
C LYS A 135 8.32 -10.98 -10.59
N GLU A 136 7.32 -11.33 -11.40
CA GLU A 136 7.56 -12.09 -12.62
C GLU A 136 7.53 -11.23 -13.88
N SER A 137 7.34 -9.92 -13.71
CA SER A 137 7.23 -9.01 -14.85
C SER A 137 8.56 -8.79 -15.55
N LEU A 138 8.51 -8.47 -16.83
CA LEU A 138 9.70 -8.10 -17.58
C LEU A 138 10.23 -6.78 -17.06
N VAL A 139 9.33 -5.95 -16.53
CA VAL A 139 9.71 -4.68 -15.95
C VAL A 139 10.67 -4.85 -14.78
N PHE A 140 10.28 -5.68 -13.82
CA PHE A 140 11.12 -5.91 -12.64
C PHE A 140 12.37 -6.72 -12.99
N LYS A 141 12.24 -7.64 -13.94
CA LYS A 141 13.40 -8.42 -14.39
C LYS A 141 14.52 -7.48 -14.78
N GLU A 142 14.15 -6.40 -15.48
CA GLU A 142 15.12 -5.41 -15.92
C GLU A 142 15.60 -4.56 -14.76
N ILE A 143 14.67 -4.14 -13.90
CA ILE A 143 15.02 -3.37 -12.71
C ILE A 143 15.99 -4.15 -11.83
N TYR A 144 15.75 -5.45 -11.69
CA TYR A 144 16.62 -6.31 -10.90
C TYR A 144 18.03 -6.32 -11.47
N ASN A 145 18.13 -6.52 -12.78
CA ASN A 145 19.43 -6.49 -13.46
C ASN A 145 20.15 -5.17 -13.26
N ILE A 146 19.43 -4.07 -13.43
CA ILE A 146 20.00 -2.74 -13.24
C ILE A 146 20.56 -2.58 -11.83
N LEU A 147 19.74 -2.93 -10.84
CA LEU A 147 20.16 -2.85 -9.44
C LEU A 147 21.40 -3.68 -9.19
N ILE A 148 21.42 -4.90 -9.70
CA ILE A 148 22.57 -5.78 -9.55
C ILE A 148 23.82 -5.17 -10.18
N LYS A 149 23.69 -4.70 -11.41
CA LYS A 149 24.79 -4.08 -12.13
C LYS A 149 25.32 -2.86 -11.38
N ASN A 150 24.44 -2.20 -10.62
CA ASN A 150 24.84 -1.03 -9.85
C ASN A 150 25.19 -1.35 -8.40
N GLN A 151 25.58 -2.59 -8.15
CA GLN A 151 26.17 -3.00 -6.88
C GLN A 151 25.19 -3.09 -5.70
N TYR A 152 23.92 -3.36 -5.98
CA TYR A 152 22.92 -3.47 -4.93
C TYR A 152 22.76 -4.91 -4.45
N TYR A 153 22.47 -5.06 -3.17
CA TYR A 153 22.05 -6.34 -2.62
C TYR A 153 20.53 -6.34 -2.52
N ILE A 154 19.89 -7.40 -2.99
CA ILE A 154 18.43 -7.42 -3.08
C ILE A 154 17.79 -8.59 -2.35
N LYS A 155 16.88 -8.27 -1.44
CA LYS A 155 16.04 -9.29 -0.80
C LYS A 155 14.58 -8.95 -1.03
N ASP A 156 13.80 -9.96 -1.40
CA ASP A 156 12.39 -9.77 -1.70
C ASP A 156 11.51 -10.77 -0.96
N ILE A 157 10.23 -10.43 -0.81
CA ILE A 157 9.30 -11.31 -0.11
C ILE A 157 7.86 -11.05 -0.54
N ILE A 158 7.10 -12.15 -0.67
CA ILE A 158 5.66 -12.05 -0.89
C ILE A 158 4.96 -12.48 0.40
N CYS A 159 4.24 -11.55 1.02
CA CYS A 159 3.58 -11.84 2.28
C CYS A 159 2.29 -11.05 2.45
N SER A 160 1.51 -11.41 3.47
CA SER A 160 0.23 -10.77 3.72
C SER A 160 0.15 -10.34 5.19
N PRO A 161 -0.66 -9.30 5.48
CA PRO A 161 -0.81 -8.80 6.85
C PRO A 161 -1.22 -9.88 7.83
N ILE A 162 -1.98 -10.87 7.37
CA ILE A 162 -2.40 -11.97 8.24
C ILE A 162 -1.21 -12.76 8.77
N ASP A 163 -0.11 -12.71 8.02
CA ASP A 163 1.10 -13.43 8.41
C ASP A 163 1.69 -12.88 9.70
N ILE A 164 1.43 -11.60 9.98
CA ILE A 164 1.90 -10.99 11.22
C ILE A 164 0.76 -10.66 12.17
N GLY A 165 -0.38 -11.33 11.98
CA GLY A 165 -1.49 -11.22 12.93
C GLY A 165 -2.46 -10.09 12.68
N ILE A 166 -2.42 -9.50 11.49
CA ILE A 166 -3.38 -8.47 11.12
C ILE A 166 -4.53 -9.07 10.34
N PRO A 167 -5.76 -8.89 10.84
CA PRO A 167 -6.96 -9.49 10.25
C PRO A 167 -7.34 -8.87 8.90
N ASN A 168 -6.46 -9.02 7.91
CA ASN A 168 -6.73 -8.52 6.57
C ASN A 168 -5.82 -9.17 5.54
N SER A 169 -6.42 -9.74 4.50
CA SER A 169 -5.66 -10.37 3.44
C SER A 169 -5.28 -9.37 2.35
N ARG A 170 -4.00 -9.06 2.25
CA ARG A 170 -3.51 -8.18 1.21
C ARG A 170 -2.12 -8.64 0.75
N THR A 171 -2.08 -9.79 0.08
CA THR A 171 -0.82 -10.35 -0.39
C THR A 171 -0.13 -9.41 -1.37
N ARG A 172 1.07 -8.96 -1.00
CA ARG A 172 1.84 -8.04 -1.83
C ARG A 172 3.29 -8.46 -1.97
N TYR A 173 3.96 -7.89 -2.97
CA TYR A 173 5.36 -8.19 -3.23
C TYR A 173 6.22 -7.02 -2.74
N TYR A 174 7.31 -7.34 -2.05
CA TYR A 174 8.18 -6.31 -1.48
C TYR A 174 9.64 -6.51 -1.86
N VAL A 175 10.27 -5.44 -2.35
CA VAL A 175 11.68 -5.50 -2.72
C VAL A 175 12.50 -4.60 -1.80
N MET A 176 13.56 -5.18 -1.21
CA MET A 176 14.44 -4.45 -0.33
C MET A 176 15.86 -4.45 -0.88
N ALA A 177 16.31 -3.29 -1.36
CA ALA A 177 17.62 -3.18 -1.98
C ALA A 177 18.49 -2.16 -1.25
N ARG A 178 19.77 -2.46 -1.13
CA ARG A 178 20.72 -1.56 -0.49
C ARG A 178 22.15 -1.91 -0.89
N LEU A 179 23.08 -1.02 -0.58
CA LEU A 179 24.47 -1.18 -1.02
C LEU A 179 25.30 -2.03 -0.06
N THR A 180 24.73 -2.36 1.08
CA THR A 180 25.39 -3.24 2.04
C THR A 180 24.70 -4.60 2.07
N PRO A 181 25.49 -5.67 2.20
CA PRO A 181 24.91 -7.02 2.27
C PRO A 181 24.11 -7.22 3.56
N PHE A 182 23.07 -8.06 3.48
CA PHE A 182 22.25 -8.35 4.65
C PHE A 182 22.90 -9.44 5.50
N LYS A 183 23.34 -9.07 6.70
CA LYS A 183 23.99 -10.01 7.60
C LYS A 183 23.01 -10.94 8.29
N ASN A 184 21.81 -10.43 8.55
CA ASN A 184 20.80 -11.18 9.31
C ASN A 184 19.68 -11.72 8.44
N GLU A 185 19.12 -12.86 8.83
CA GLU A 185 17.95 -13.39 8.14
C GLU A 185 16.77 -12.46 8.39
N ILE A 186 15.95 -12.25 7.37
CA ILE A 186 14.74 -11.46 7.54
C ILE A 186 13.85 -12.15 8.57
N GLN A 187 13.11 -11.37 9.33
CA GLN A 187 12.25 -11.93 10.36
C GLN A 187 10.93 -11.18 10.48
N LEU A 188 9.85 -11.94 10.64
CA LEU A 188 8.54 -11.35 10.88
C LEU A 188 8.12 -11.63 12.33
N HIS A 189 7.56 -10.62 12.98
CA HIS A 189 7.08 -10.78 14.35
C HIS A 189 5.56 -10.63 14.35
N GLN A 190 4.90 -11.35 15.25
CA GLN A 190 3.46 -11.25 15.38
C GLN A 190 3.07 -9.94 16.06
N GLU A 191 2.20 -9.18 15.41
CA GLU A 191 1.73 -7.92 15.97
C GLU A 191 0.86 -8.17 17.18
N LYS A 192 0.82 -7.20 18.10
CA LYS A 192 -0.03 -7.28 19.27
C LYS A 192 -1.41 -7.83 18.87
N GLU A 193 -1.81 -8.92 19.51
CA GLU A 193 -3.07 -9.57 19.13
C GLU A 193 -4.19 -8.57 18.89
N SER A 194 -4.98 -8.84 17.86
CA SER A 194 -6.11 -7.98 17.53
C SER A 194 -7.14 -8.75 16.72
N MET A 195 -8.40 -8.34 16.85
CA MET A 195 -9.48 -8.92 16.07
C MET A 195 -10.08 -7.82 15.21
N ILE A 196 -11.00 -8.19 14.31
CA ILE A 196 -11.69 -7.22 13.49
C ILE A 196 -12.36 -6.17 14.37
N SER A 197 -12.71 -6.58 15.59
CA SER A 197 -13.36 -5.71 16.56
C SER A 197 -12.56 -4.42 16.78
N ASN A 198 -11.24 -4.55 16.89
CA ASN A 198 -10.37 -3.44 17.24
C ASN A 198 -10.36 -2.27 16.24
N TYR A 199 -10.85 -2.52 15.03
CA TYR A 199 -10.77 -1.53 13.97
C TYR A 199 -12.10 -0.87 13.65
N LEU A 200 -13.16 -1.34 14.30
CA LEU A 200 -14.51 -0.88 14.00
C LEU A 200 -14.83 0.47 14.64
N ASP A 201 -15.36 1.40 13.84
CA ASP A 201 -15.98 2.60 14.40
C ASP A 201 -17.20 2.15 15.21
N ASN A 202 -17.64 2.99 16.13
CA ASN A 202 -18.68 2.57 17.07
C ASN A 202 -20.05 3.22 16.90
N ASN A 203 -20.19 4.09 15.91
CA ASN A 203 -21.49 4.72 15.65
C ASN A 203 -21.69 5.05 14.18
N VAL A 204 -21.49 4.06 13.32
CA VAL A 204 -21.56 4.26 11.87
C VAL A 204 -22.93 4.72 11.40
N ASN A 205 -22.95 5.78 10.60
CA ASN A 205 -24.19 6.27 9.99
C ASN A 205 -24.81 5.17 9.14
N GLU A 206 -26.14 5.16 9.05
CA GLU A 206 -26.83 4.11 8.30
C GLU A 206 -26.57 4.22 6.80
N SER A 207 -25.95 5.32 6.37
CA SER A 207 -25.66 5.54 4.96
C SER A 207 -24.59 4.60 4.45
N TYR A 208 -24.09 3.74 5.34
CA TYR A 208 -23.04 2.79 4.98
C TYR A 208 -23.56 1.37 4.83
N SER A 209 -24.77 1.13 5.33
CA SER A 209 -25.39 -0.19 5.24
C SER A 209 -25.78 -0.53 3.80
N ILE A 210 -25.66 -1.80 3.45
CA ILE A 210 -25.98 -2.26 2.10
C ILE A 210 -27.47 -2.11 1.83
N PRO A 211 -27.82 -1.41 0.73
CA PRO A 211 -29.21 -1.26 0.32
C PRO A 211 -29.88 -2.61 0.11
N SER A 212 -31.15 -2.72 0.51
CA SER A 212 -31.87 -3.99 0.42
C SER A 212 -31.92 -4.55 -1.00
N ASP A 213 -32.12 -3.67 -1.98
CA ASP A 213 -32.22 -4.09 -3.37
C ASP A 213 -30.91 -4.73 -3.84
N LEU A 214 -29.79 -4.17 -3.38
CA LEU A 214 -28.47 -4.70 -3.73
C LEU A 214 -28.26 -6.07 -3.09
N ILE A 215 -28.71 -6.22 -1.85
CA ILE A 215 -28.61 -7.48 -1.14
C ILE A 215 -29.36 -8.59 -1.86
N LEU A 216 -30.58 -8.27 -2.30
CA LEU A 216 -31.44 -9.26 -2.95
C LEU A 216 -30.93 -9.66 -4.34
N LYS A 217 -30.03 -8.85 -4.90
CA LYS A 217 -29.53 -9.13 -6.25
C LYS A 217 -28.12 -9.69 -6.28
N LYS A 218 -27.26 -9.25 -5.35
CA LYS A 218 -25.88 -9.72 -5.33
C LYS A 218 -25.38 -10.04 -3.92
N GLY A 219 -26.30 -10.10 -2.96
CA GLY A 219 -25.94 -10.36 -1.58
C GLY A 219 -25.08 -11.60 -1.38
N MET A 220 -25.34 -12.62 -2.20
CA MET A 220 -24.64 -13.89 -2.09
C MET A 220 -23.20 -13.83 -2.60
N LEU A 221 -22.86 -12.73 -3.29
CA LEU A 221 -21.52 -12.57 -3.85
C LEU A 221 -20.57 -11.91 -2.86
N PHE A 222 -21.13 -11.23 -1.87
CA PHE A 222 -20.32 -10.57 -0.85
C PHE A 222 -19.54 -11.57 0.00
N ASP A 223 -18.32 -11.19 0.36
CA ASP A 223 -17.60 -11.90 1.42
C ASP A 223 -17.94 -11.21 2.73
N ILE A 224 -18.66 -11.90 3.60
CA ILE A 224 -19.17 -11.30 4.82
C ILE A 224 -18.43 -11.78 6.07
N VAL A 225 -18.14 -10.84 6.96
CA VAL A 225 -17.42 -11.15 8.19
C VAL A 225 -18.06 -10.51 9.42
N GLY A 226 -17.86 -11.14 10.57
CA GLY A 226 -18.32 -10.59 11.84
C GLY A 226 -17.14 -10.10 12.64
N LYS A 227 -17.42 -9.46 13.78
CA LYS A 227 -16.37 -8.84 14.58
C LYS A 227 -15.30 -9.83 15.04
N ASP A 228 -15.60 -11.13 14.96
CA ASP A 228 -14.67 -12.14 15.45
C ASP A 228 -14.05 -13.01 14.35
N ASP A 229 -14.56 -12.89 13.13
CA ASP A 229 -14.09 -13.70 12.02
C ASP A 229 -12.60 -13.53 11.75
N LYS A 230 -11.99 -14.56 11.17
CA LYS A 230 -10.54 -14.60 10.98
C LYS A 230 -9.94 -13.34 10.38
N ARG A 231 -10.50 -12.88 9.26
CA ARG A 231 -9.91 -11.76 8.54
C ARG A 231 -10.90 -11.07 7.59
N THR A 232 -10.50 -9.92 7.09
CA THR A 232 -11.24 -9.22 6.05
C THR A 232 -10.51 -9.39 4.72
N CYS A 233 -11.26 -9.33 3.61
CA CYS A 233 -10.67 -9.47 2.29
C CYS A 233 -9.91 -8.21 1.88
N CYS A 234 -9.12 -8.31 0.82
CA CYS A 234 -8.36 -7.17 0.31
C CYS A 234 -9.28 -6.04 -0.12
N PHE A 235 -9.06 -4.86 0.46
CA PHE A 235 -9.79 -3.67 0.04
C PHE A 235 -9.14 -3.09 -1.21
N THR A 236 -9.93 -2.93 -2.27
CA THR A 236 -9.41 -2.37 -3.52
C THR A 236 -10.07 -1.03 -3.84
N LYS A 237 -9.62 -0.43 -4.94
CA LYS A 237 -10.04 0.91 -5.34
C LYS A 237 -11.55 1.09 -5.45
N SER A 238 -12.23 0.09 -6.02
CA SER A 238 -13.66 0.23 -6.32
C SER A 238 -14.57 -0.30 -5.22
N TYR A 239 -14.07 -0.36 -3.99
CA TYR A 239 -14.88 -0.86 -2.88
C TYR A 239 -16.13 -0.01 -2.73
N THR A 240 -17.26 -0.66 -2.48
CA THR A 240 -18.59 -0.03 -2.38
C THR A 240 -19.15 0.38 -3.74
N LYS A 241 -18.39 0.12 -4.80
CA LYS A 241 -18.85 0.40 -6.15
C LYS A 241 -19.07 -0.92 -6.89
N ILE A 242 -18.08 -1.79 -6.83
CA ILE A 242 -18.19 -3.14 -7.39
C ILE A 242 -18.24 -4.14 -6.25
N VAL A 243 -19.16 -5.09 -6.35
CA VAL A 243 -19.40 -6.04 -5.26
C VAL A 243 -18.24 -7.02 -5.06
N GLU A 244 -17.85 -7.71 -6.12
CA GLU A 244 -16.88 -8.80 -6.01
C GLU A 244 -15.42 -8.35 -6.03
N GLY A 245 -14.62 -8.93 -5.13
CA GLY A 245 -13.18 -8.76 -5.15
C GLY A 245 -12.66 -7.39 -4.77
N THR A 246 -13.51 -6.56 -4.17
CA THR A 246 -13.10 -5.22 -3.78
C THR A 246 -13.04 -5.04 -2.27
N GLY A 247 -13.43 -6.07 -1.53
CA GLY A 247 -13.38 -6.03 -0.09
C GLY A 247 -14.58 -6.69 0.57
N SER A 248 -14.41 -7.13 1.82
CA SER A 248 -15.49 -7.74 2.58
C SER A 248 -16.43 -6.67 3.12
N ILE A 249 -17.62 -7.11 3.55
CA ILE A 249 -18.54 -6.24 4.28
C ILE A 249 -18.78 -6.82 5.67
N TYR A 250 -19.35 -6.01 6.56
CA TYR A 250 -19.43 -6.38 7.98
C TYR A 250 -20.83 -6.66 8.48
N CYS A 251 -20.96 -7.71 9.28
CA CYS A 251 -22.21 -8.05 9.96
C CYS A 251 -22.04 -7.83 11.46
N PRO A 252 -22.79 -6.87 12.01
CA PRO A 252 -22.67 -6.48 13.42
C PRO A 252 -23.54 -7.35 14.33
N ILE A 253 -24.28 -8.28 13.74
CA ILE A 253 -25.19 -9.12 14.50
C ILE A 253 -24.51 -10.41 14.98
N GLU A 254 -23.56 -10.91 14.19
CA GLU A 254 -22.90 -12.18 14.52
C GLU A 254 -21.40 -12.04 14.66
N PRO A 255 -20.85 -12.52 15.78
CA PRO A 255 -19.39 -12.57 15.97
C PRO A 255 -18.74 -13.36 14.85
N HIS A 256 -19.32 -14.52 14.55
CA HIS A 256 -18.90 -15.34 13.43
C HIS A 256 -20.04 -15.47 12.44
N PHE A 257 -19.99 -14.68 11.35
CA PHE A 257 -21.04 -14.73 10.35
C PHE A 257 -21.34 -16.17 9.93
N ILE A 258 -22.59 -16.59 10.12
CA ILE A 258 -23.01 -17.91 9.68
C ILE A 258 -23.65 -17.81 8.30
N PRO A 259 -23.09 -18.56 7.32
CA PRO A 259 -23.50 -18.49 5.91
C PRO A 259 -24.98 -18.84 5.72
N VAL A 260 -25.55 -18.34 4.62
CA VAL A 260 -26.95 -18.59 4.30
C VAL A 260 -27.07 -19.22 2.92
N LYS A 261 -28.30 -19.58 2.54
CA LYS A 261 -28.55 -20.23 1.26
C LYS A 261 -29.19 -19.28 0.26
N LYS A 262 -29.97 -18.33 0.78
CA LYS A 262 -30.68 -17.38 -0.06
C LYS A 262 -30.24 -15.95 0.25
N ALA A 263 -30.29 -15.08 -0.76
CA ALA A 263 -29.91 -13.68 -0.58
C ALA A 263 -30.84 -12.98 0.41
N GLU A 264 -32.12 -13.33 0.35
CA GLU A 264 -33.11 -12.69 1.21
C GLU A 264 -32.85 -12.94 2.68
N ASP A 265 -32.07 -13.98 2.97
CA ASP A 265 -31.72 -14.32 4.35
C ASP A 265 -30.75 -13.31 4.94
N LEU A 266 -30.15 -12.48 4.08
CA LEU A 266 -29.19 -11.48 4.52
C LEU A 266 -29.88 -10.16 4.86
N LEU A 267 -31.15 -10.03 4.46
CA LEU A 267 -31.90 -8.79 4.62
C LEU A 267 -31.85 -8.20 6.04
N ASN A 268 -31.91 -9.07 7.05
CA ASN A 268 -31.95 -8.62 8.44
C ASN A 268 -30.72 -9.01 9.26
N LYS A 269 -29.55 -8.59 8.78
CA LYS A 269 -28.31 -8.82 9.51
C LYS A 269 -27.52 -7.52 9.58
N ASN A 270 -28.20 -6.42 9.27
CA ASN A 270 -27.62 -5.09 9.36
C ASN A 270 -26.26 -4.95 8.67
N LEU A 271 -26.13 -5.57 7.51
CA LEU A 271 -24.87 -5.53 6.75
C LEU A 271 -24.52 -4.12 6.33
N ARG A 272 -23.23 -3.79 6.38
CA ARG A 272 -22.76 -2.48 5.95
C ARG A 272 -21.33 -2.57 5.41
N TYR A 273 -20.96 -1.62 4.58
CA TYR A 273 -19.57 -1.51 4.14
C TYR A 273 -18.74 -1.00 5.30
N PHE A 274 -17.46 -1.34 5.31
CA PHE A 274 -16.53 -0.71 6.22
C PHE A 274 -16.34 0.74 5.80
N THR A 275 -16.24 1.64 6.76
CA THR A 275 -16.05 3.05 6.47
C THR A 275 -14.61 3.31 6.04
N PRO A 276 -14.38 4.46 5.36
CA PRO A 276 -13.01 4.81 4.97
C PRO A 276 -12.07 4.82 6.18
N ASN A 277 -12.56 5.35 7.29
CA ASN A 277 -11.77 5.45 8.51
C ASN A 277 -11.39 4.08 9.06
N GLU A 278 -12.28 3.11 8.87
CA GLU A 278 -12.03 1.74 9.33
C GLU A 278 -10.94 1.06 8.51
N ILE A 279 -10.99 1.24 7.19
CA ILE A 279 -9.96 0.71 6.30
C ILE A 279 -8.62 1.36 6.65
N LYS A 280 -8.65 2.66 6.90
CA LYS A 280 -7.46 3.41 7.26
C LYS A 280 -6.78 2.81 8.49
N LYS A 281 -7.58 2.41 9.47
CA LYS A 281 -7.06 1.79 10.68
C LYS A 281 -6.55 0.38 10.40
N ILE A 282 -7.24 -0.36 9.54
CA ILE A 282 -6.82 -1.71 9.19
C ILE A 282 -5.49 -1.71 8.44
N HIS A 283 -5.26 -0.67 7.63
CA HIS A 283 -4.02 -0.55 6.89
C HIS A 283 -2.88 -0.01 7.75
N GLY A 284 -3.20 0.34 8.99
CA GLY A 284 -2.19 0.70 9.97
C GLY A 284 -1.69 2.13 9.92
N PHE A 285 -2.50 3.04 9.41
CA PHE A 285 -2.15 4.46 9.46
C PHE A 285 -2.34 4.98 10.88
N SER A 286 -1.65 6.07 11.22
CA SER A 286 -1.72 6.61 12.57
C SER A 286 -3.16 7.01 12.92
N SER A 287 -3.48 6.96 14.20
CA SER A 287 -4.82 7.29 14.66
C SER A 287 -5.26 8.69 14.24
N ASN A 288 -4.29 9.59 14.09
CA ASN A 288 -4.59 10.95 13.70
C ASN A 288 -4.64 11.16 12.19
N PHE A 289 -4.09 10.20 11.45
CA PHE A 289 -4.17 10.24 9.99
C PHE A 289 -5.63 10.05 9.57
N THR A 290 -6.07 10.81 8.58
CA THR A 290 -7.44 10.71 8.10
C THR A 290 -7.56 11.04 6.61
N THR A 291 -8.36 10.26 5.89
CA THR A 291 -8.65 10.51 4.49
C THR A 291 -9.87 11.43 4.40
N GLN A 292 -10.46 11.71 5.56
CA GLN A 292 -11.64 12.57 5.64
C GLN A 292 -11.26 14.03 5.41
N ILE A 293 -10.67 14.31 4.25
CA ILE A 293 -10.35 15.67 3.87
C ILE A 293 -11.63 16.36 3.41
N ASP A 294 -11.81 17.60 3.85
CA ASP A 294 -13.02 18.35 3.52
C ASP A 294 -13.24 18.40 2.01
N GLY A 295 -14.43 17.99 1.58
CA GLY A 295 -14.80 18.03 0.18
C GLY A 295 -14.74 16.66 -0.50
N LEU A 296 -13.84 15.81 -0.01
CA LEU A 296 -13.67 14.48 -0.59
C LEU A 296 -14.78 13.51 -0.19
N THR A 297 -15.42 12.91 -1.20
CA THR A 297 -16.47 11.93 -0.96
C THR A 297 -15.89 10.60 -0.50
N ASP A 298 -16.76 9.71 -0.03
CA ASP A 298 -16.32 8.40 0.43
C ASP A 298 -15.67 7.61 -0.73
N LYS A 299 -16.26 7.71 -1.91
CA LYS A 299 -15.71 7.06 -3.08
C LYS A 299 -14.26 7.44 -3.32
N GLN A 300 -13.98 8.74 -3.32
CA GLN A 300 -12.63 9.24 -3.53
C GLN A 300 -11.66 8.72 -2.47
N GLN A 301 -12.12 8.62 -1.23
CA GLN A 301 -11.30 8.10 -0.14
C GLN A 301 -11.09 6.60 -0.27
N TYR A 302 -12.17 5.90 -0.62
CA TYR A 302 -12.09 4.45 -0.85
C TYR A 302 -11.07 4.12 -1.93
N GLN A 303 -11.08 4.90 -3.01
CA GLN A 303 -10.19 4.69 -4.13
C GLN A 303 -8.72 4.82 -3.71
N CYS A 304 -8.42 5.88 -2.97
CA CYS A 304 -7.07 6.11 -2.48
C CYS A 304 -6.63 5.00 -1.53
N LEU A 305 -7.50 4.69 -0.58
CA LEU A 305 -7.22 3.64 0.40
C LEU A 305 -7.02 2.29 -0.27
N GLY A 306 -7.86 1.99 -1.24
CA GLY A 306 -7.78 0.74 -1.98
C GLY A 306 -6.44 0.60 -2.69
N ASN A 307 -5.85 1.73 -3.05
CA ASN A 307 -4.58 1.75 -3.76
C ASN A 307 -3.36 1.90 -2.83
N SER A 308 -3.62 1.98 -1.52
CA SER A 308 -2.54 2.20 -0.56
C SER A 308 -1.82 0.91 -0.20
N VAL A 309 -1.38 0.80 1.05
CA VAL A 309 -0.57 -0.33 1.48
C VAL A 309 -0.90 -0.76 2.91
N SER A 310 -0.25 -1.83 3.35
CA SER A 310 -0.35 -2.27 4.75
C SER A 310 0.85 -1.76 5.53
N CYS A 311 0.68 -0.61 6.18
CA CYS A 311 1.76 0.00 6.95
C CYS A 311 2.33 -0.97 7.98
N PHE A 312 1.47 -1.84 8.50
CA PHE A 312 1.90 -2.86 9.45
C PHE A 312 3.04 -3.70 8.87
N VAL A 313 2.80 -4.28 7.70
CA VAL A 313 3.77 -5.16 7.05
C VAL A 313 5.03 -4.41 6.65
N ILE A 314 4.86 -3.28 5.96
CA ILE A 314 5.98 -2.51 5.46
C ILE A 314 6.88 -2.01 6.58
N ALA A 315 6.29 -1.70 7.73
CA ALA A 315 7.06 -1.24 8.88
C ALA A 315 8.10 -2.28 9.28
N GLN A 316 7.68 -3.54 9.33
CA GLN A 316 8.59 -4.61 9.71
C GLN A 316 9.67 -4.85 8.65
N LEU A 317 9.29 -4.76 7.38
CA LEU A 317 10.23 -4.99 6.29
C LEU A 317 11.26 -3.87 6.16
N MET A 318 10.83 -2.64 6.46
CA MET A 318 11.73 -1.50 6.44
C MET A 318 12.77 -1.61 7.55
N GLU A 319 12.32 -2.05 8.73
CA GLU A 319 13.23 -2.26 9.85
C GLU A 319 14.33 -3.23 9.46
N TYR A 320 14.00 -4.18 8.59
CA TYR A 320 14.98 -5.12 8.07
C TYR A 320 15.90 -4.42 7.07
N LEU A 321 15.30 -3.75 6.10
CA LEU A 321 16.04 -3.01 5.08
C LEU A 321 17.09 -2.07 5.67
N PHE A 322 16.76 -1.46 6.81
CA PHE A 322 17.63 -0.48 7.43
C PHE A 322 18.44 -1.03 8.60
N ASP A 323 18.49 -2.35 8.73
CA ASP A 323 19.18 -2.96 9.87
C ASP A 323 20.70 -2.83 9.79
N ASP A 324 21.17 -2.18 8.73
CA ASP A 324 22.60 -1.92 8.58
C ASP A 324 22.97 -0.56 9.19
N LEU A 325 21.97 0.14 9.71
CA LEU A 325 22.18 1.47 10.27
C LEU A 325 22.30 1.46 11.79
N LYS A 326 22.21 0.29 12.40
CA LYS A 326 22.28 0.17 13.85
C LYS A 326 23.59 -0.48 14.32
N GLU A 327 23.67 -0.77 15.61
CA GLU A 327 24.83 -1.42 16.20
C GLU A 327 26.08 -0.56 16.11
N SAH B . 1.66 3.71 -1.96
CA SAH B . 0.85 4.91 -2.07
CB SAH B . 0.02 4.89 -3.35
CG SAH B . 0.56 4.14 -4.55
SD SAH B . -0.50 4.06 -6.01
C SAH B . -0.04 5.02 -0.85
O SAH B . -1.15 5.62 -0.94
OXT SAH B . 0.33 4.52 0.26
C5' SAH B . 0.42 4.68 -7.41
C4' SAH B . 0.55 6.15 -7.57
O4' SAH B . 1.50 6.40 -8.56
C3' SAH B . -0.72 6.71 -8.03
O3' SAH B . -1.27 7.50 -7.04
C2' SAH B . -0.43 7.51 -9.21
O2' SAH B . -1.00 8.77 -9.07
C1' SAH B . 1.03 7.60 -9.24
N9 SAH B . 1.52 7.76 -10.58
C8 SAH B . 1.23 7.08 -11.69
N7 SAH B . 1.95 7.62 -12.69
C5 SAH B . 2.69 8.63 -12.19
C6 SAH B . 3.61 9.53 -12.76
N6 SAH B . 3.92 9.46 -14.17
N1 SAH B . 4.19 10.44 -11.96
C2 SAH B . 3.91 10.51 -10.64
N3 SAH B . 3.04 9.67 -10.08
C4 SAH B . 2.42 8.73 -10.83
S SO4 C . 12.56 19.83 -17.17
O1 SO4 C . 11.26 19.68 -17.82
O2 SO4 C . 13.23 18.53 -17.15
O3 SO4 C . 13.37 20.79 -17.90
O4 SO4 C . 12.37 20.30 -15.79
S SO4 D . 24.25 10.67 2.86
O1 SO4 D . 23.31 11.28 1.92
O2 SO4 D . 23.80 9.32 3.22
O3 SO4 D . 25.56 10.58 2.24
O4 SO4 D . 24.33 11.48 4.07
S SO4 E . -11.26 6.24 16.16
O1 SO4 E . -12.28 6.25 15.12
O2 SO4 E . -10.80 4.86 16.37
O3 SO4 E . -10.15 7.09 15.73
O4 SO4 E . -11.76 6.78 17.42
#